data_1ZCA
#
_entry.id   1ZCA
#
_cell.length_a   57.501
_cell.length_b   85.230
_cell.length_c   82.885
_cell.angle_alpha   90.00
_cell.angle_beta   106.09
_cell.angle_gamma   90.00
#
_symmetry.space_group_name_H-M   'P 1 21 1'
#
loop_
_entity.id
_entity.type
_entity.pdbx_description
1 polymer 'G alpha i/12'
2 non-polymer 'MAGNESIUM ION'
3 non-polymer 'TETRAFLUOROALUMINATE ION'
4 non-polymer "GUANOSINE-5'-DIPHOSPHATE"
5 water water
#
_entity_poly.entity_id   1
_entity_poly.type   'polypeptide(L)'
_entity_poly.pdbx_seq_one_letter_code
;MGCTLSAEDKAAVERSKMIDRNLREDGERRAVRRLVKILLLGAGESGKSTFLKQMRIIHGREFDQKALLEFRDTIFDNIL
KGSRVLVDARDKLGIPWQHSENEKHGMFLMAFENKAGLPVEPATFQLYVPALSALWRDSGIREAFSRRSEFQLGESVKYF
LDNLDRIGQLNYFPSKQDILLARKATKGIVEHDFVIKKIPFKMVDVGGQRSQRQKWFQCFDGITSILFMVSSSEYDQVLM
EDRRTNRLVESMNIFETIVNNKLFFNVSIILFLNKMDLLVEKVKSVSIKKHFPDFKGDPHRLEDVQRYLVQCFDRKRRNR
SKPLFHHFTTAIDTENIRFVFHAVKDTILQENLKDIMLQ
;
_entity_poly.pdbx_strand_id   A,B
#
# COMPACT_ATOMS: atom_id res chain seq x y z
N ARG A 34 6.13 15.28 -34.25
CA ARG A 34 7.17 15.76 -33.30
C ARG A 34 7.12 14.97 -31.98
N LEU A 35 7.90 13.89 -31.93
CA LEU A 35 7.96 13.00 -30.76
C LEU A 35 8.96 13.50 -29.71
N VAL A 36 8.44 13.85 -28.55
CA VAL A 36 9.26 14.38 -27.45
C VAL A 36 10.10 13.29 -26.81
N LYS A 37 11.42 13.47 -26.83
CA LYS A 37 12.37 12.52 -26.24
C LYS A 37 12.87 13.05 -24.90
N ILE A 38 12.55 12.34 -23.82
CA ILE A 38 12.95 12.72 -22.47
C ILE A 38 14.03 11.77 -21.97
N LEU A 39 15.01 12.31 -21.24
CA LEU A 39 16.11 11.52 -20.70
C LEU A 39 16.12 11.54 -19.16
N LEU A 40 16.12 10.37 -18.55
CA LEU A 40 16.10 10.23 -17.10
C LEU A 40 17.51 10.05 -16.55
N LEU A 41 18.02 11.06 -15.85
CA LEU A 41 19.40 11.03 -15.34
C LEU A 41 19.47 11.22 -13.83
N GLY A 42 20.62 10.90 -13.25
CA GLY A 42 20.84 11.01 -11.81
C GLY A 42 21.72 9.90 -11.27
N ALA A 43 22.18 10.09 -10.03
CA ALA A 43 23.09 9.15 -9.37
C ALA A 43 22.42 7.82 -9.04
N GLY A 44 23.23 6.81 -8.74
CA GLY A 44 22.73 5.46 -8.43
C GLY A 44 21.73 5.46 -7.29
N GLU A 45 20.67 4.67 -7.43
CA GLU A 45 19.62 4.54 -6.40
C GLU A 45 18.98 5.89 -6.10
N SER A 46 18.47 6.53 -7.15
CA SER A 46 17.76 7.81 -7.06
C SER A 46 16.28 7.72 -7.47
N GLY A 47 15.90 6.64 -8.13
CA GLY A 47 14.50 6.40 -8.49
C GLY A 47 14.17 6.54 -9.96
N LYS A 48 15.20 6.56 -10.82
CA LYS A 48 15.00 6.66 -12.27
C LYS A 48 14.05 5.57 -12.77
N SER A 49 14.42 4.32 -12.54
CA SER A 49 13.60 3.19 -12.98
C SER A 49 12.22 3.21 -12.34
N THR A 50 12.18 3.58 -11.07
CA THR A 50 10.95 3.65 -10.29
C THR A 50 9.98 4.61 -10.96
N PHE A 51 10.48 5.77 -11.37
CA PHE A 51 9.68 6.73 -12.13
C PHE A 51 9.14 6.09 -13.41
N LEU A 52 10.06 5.53 -14.20
CA LEU A 52 9.73 4.88 -15.47
C LEU A 52 8.65 3.81 -15.33
N LYS A 53 8.61 3.16 -14.18
CA LYS A 53 7.54 2.22 -13.87
C LYS A 53 6.22 2.99 -13.73
N GLN A 54 6.25 4.09 -12.97
CA GLN A 54 5.03 4.86 -12.74
C GLN A 54 4.44 5.35 -14.05
N MET A 55 5.28 5.51 -15.07
CA MET A 55 4.84 5.92 -16.40
C MET A 55 4.06 4.81 -17.09
N ARG A 56 4.52 3.57 -16.94
CA ARG A 56 3.89 2.43 -17.56
C ARG A 56 2.54 2.14 -16.91
N ILE A 57 2.55 2.08 -15.58
CA ILE A 57 1.32 1.97 -14.79
C ILE A 57 0.29 2.98 -15.28
N ILE A 58 0.69 4.24 -15.40
CA ILE A 58 -0.23 5.32 -15.71
C ILE A 58 -0.57 5.41 -17.20
N HIS A 59 0.45 5.42 -18.06
CA HIS A 59 0.26 5.68 -19.49
C HIS A 59 0.55 4.51 -20.44
N GLY A 60 1.27 3.49 -19.97
CA GLY A 60 1.63 2.33 -20.80
C GLY A 60 0.73 1.14 -20.55
N ARG A 61 0.96 0.04 -21.28
CA ARG A 61 0.16 -1.18 -21.11
C ARG A 61 0.69 -2.01 -19.93
N GLU A 62 -0.23 -2.61 -19.18
CA GLU A 62 0.14 -3.30 -17.93
C GLU A 62 0.89 -4.60 -18.18
N PHE A 63 1.54 -5.10 -17.14
CA PHE A 63 2.61 -6.09 -17.26
C PHE A 63 2.06 -7.49 -17.44
N ASP A 64 2.50 -8.19 -18.48
CA ASP A 64 2.09 -9.56 -18.71
C ASP A 64 2.89 -10.47 -17.81
N GLN A 65 2.33 -11.64 -17.49
CA GLN A 65 2.93 -12.57 -16.52
C GLN A 65 4.47 -12.65 -16.60
N LYS A 66 5.02 -12.66 -17.81
CA LYS A 66 6.48 -12.69 -17.98
C LYS A 66 7.18 -11.64 -17.11
N ALA A 67 6.78 -10.38 -17.25
CA ALA A 67 7.36 -9.30 -16.45
C ALA A 67 6.98 -9.43 -14.97
N LEU A 68 5.72 -9.76 -14.71
CA LEU A 68 5.22 -9.91 -13.34
C LEU A 68 6.06 -10.89 -12.52
N LEU A 69 6.35 -12.05 -13.10
CA LEU A 69 7.17 -13.07 -12.45
C LEU A 69 8.59 -12.57 -12.24
N GLU A 70 9.11 -11.82 -13.20
CA GLU A 70 10.42 -11.22 -13.07
C GLU A 70 10.46 -10.28 -11.88
N PHE A 71 9.42 -9.48 -11.72
CA PHE A 71 9.34 -8.58 -10.56
C PHE A 71 9.35 -9.35 -9.25
N ARG A 72 8.73 -10.52 -9.24
CA ARG A 72 8.64 -11.34 -8.03
C ARG A 72 10.00 -11.91 -7.64
N ASP A 73 10.73 -12.43 -8.64
CA ASP A 73 12.08 -12.92 -8.44
C ASP A 73 12.90 -11.84 -7.76
N THR A 74 12.82 -10.64 -8.33
CA THR A 74 13.44 -9.46 -7.78
C THR A 74 13.00 -9.23 -6.32
N ILE A 75 11.70 -9.25 -6.08
CA ILE A 75 11.20 -9.00 -4.74
C ILE A 75 11.73 -10.03 -3.77
N PHE A 76 11.60 -11.30 -4.12
CA PHE A 76 12.15 -12.36 -3.29
C PHE A 76 13.61 -12.07 -3.04
N ASP A 77 14.38 -11.93 -4.12
CA ASP A 77 15.80 -11.63 -3.99
C ASP A 77 16.06 -10.44 -3.09
N ASN A 78 15.37 -9.33 -3.36
CA ASN A 78 15.47 -8.11 -2.53
C ASN A 78 15.38 -8.44 -1.05
N ILE A 79 14.45 -9.34 -0.70
CA ILE A 79 14.20 -9.68 0.69
C ILE A 79 15.32 -10.55 1.27
N LEU A 80 15.84 -11.47 0.46
CA LEU A 80 16.86 -12.39 0.92
C LEU A 80 18.24 -11.75 1.07
N LYS A 81 18.60 -10.87 0.14
CA LYS A 81 19.91 -10.21 0.18
C LYS A 81 19.97 -9.14 1.27
N GLY A 82 18.87 -8.40 1.44
CA GLY A 82 18.79 -7.37 2.46
C GLY A 82 18.94 -7.92 3.87
N SER A 83 18.27 -9.04 4.12
CA SER A 83 18.33 -9.71 5.42
C SER A 83 19.73 -10.20 5.71
N ARG A 84 20.31 -10.91 4.75
CA ARG A 84 21.70 -11.33 4.83
C ARG A 84 22.54 -10.18 5.36
N VAL A 85 22.33 -8.99 4.79
CA VAL A 85 23.10 -7.82 5.18
C VAL A 85 22.73 -7.36 6.59
N LEU A 86 21.45 -7.38 6.92
CA LEU A 86 21.00 -7.00 8.27
C LEU A 86 21.54 -7.94 9.35
N VAL A 87 21.52 -9.23 9.03
CA VAL A 87 22.03 -10.27 9.93
C VAL A 87 23.54 -10.14 10.14
N ASP A 88 24.24 -9.69 9.10
CA ASP A 88 25.67 -9.45 9.19
C ASP A 88 25.95 -8.09 9.79
N ALA A 89 25.00 -7.16 9.63
CA ALA A 89 25.16 -5.82 10.16
C ALA A 89 25.27 -5.83 11.69
N ARG A 90 24.24 -6.33 12.36
CA ARG A 90 24.22 -6.36 13.83
C ARG A 90 25.38 -7.17 14.42
N ASP A 91 25.98 -8.03 13.61
CA ASP A 91 27.17 -8.77 14.00
C ASP A 91 28.42 -7.89 13.89
N LYS A 92 28.63 -7.29 12.71
CA LYS A 92 29.78 -6.43 12.47
C LYS A 92 29.71 -5.09 13.20
N LEU A 93 28.54 -4.78 13.79
CA LEU A 93 28.38 -3.62 14.67
C LEU A 93 28.30 -4.03 16.15
N GLY A 94 28.33 -5.34 16.41
CA GLY A 94 28.35 -5.86 17.76
C GLY A 94 27.01 -5.89 18.46
N ILE A 95 25.96 -5.38 17.82
CA ILE A 95 24.63 -5.29 18.44
C ILE A 95 24.15 -6.68 18.89
N PRO A 96 23.68 -6.80 20.15
CA PRO A 96 23.25 -8.11 20.65
C PRO A 96 21.89 -8.51 20.12
N TRP A 97 21.55 -9.79 20.21
CA TRP A 97 20.24 -10.27 19.84
C TRP A 97 19.23 -9.92 20.93
N GLN A 98 17.97 -9.76 20.56
CA GLN A 98 16.90 -9.66 21.54
C GLN A 98 16.73 -11.05 22.16
N HIS A 99 16.36 -12.01 21.32
CA HIS A 99 16.29 -13.41 21.71
C HIS A 99 17.45 -14.12 21.01
N SER A 100 18.41 -14.61 21.79
CA SER A 100 19.64 -15.19 21.24
C SER A 100 19.44 -16.49 20.48
N GLU A 101 18.24 -17.07 20.57
CA GLU A 101 17.84 -18.21 19.73
C GLU A 101 17.95 -17.84 18.24
N ASN A 102 17.64 -16.59 17.92
CA ASN A 102 17.65 -16.11 16.54
C ASN A 102 18.98 -16.30 15.79
N GLU A 103 20.08 -16.50 16.52
CA GLU A 103 21.34 -16.89 15.90
C GLU A 103 21.11 -17.86 14.78
N LYS A 104 20.37 -18.91 15.10
CA LYS A 104 20.18 -20.05 14.20
C LYS A 104 19.34 -19.68 12.98
N HIS A 105 18.44 -18.71 13.14
CA HIS A 105 17.74 -18.15 12.00
C HIS A 105 18.71 -17.37 11.14
N GLY A 106 19.54 -16.54 11.79
CA GLY A 106 20.58 -15.80 11.11
C GLY A 106 21.46 -16.70 10.25
N MET A 107 21.85 -17.84 10.81
CA MET A 107 22.65 -18.84 10.09
C MET A 107 22.03 -19.22 8.76
N PHE A 108 20.70 -19.34 8.75
CA PHE A 108 19.97 -19.84 7.59
C PHE A 108 20.09 -18.94 6.35
N LEU A 109 20.38 -17.67 6.57
CA LEU A 109 20.52 -16.68 5.50
C LEU A 109 21.96 -16.49 5.04
N MET A 110 22.90 -16.55 5.98
CA MET A 110 24.31 -16.25 5.71
C MET A 110 24.76 -16.70 4.34
N ALA A 111 24.64 -18.00 4.11
CA ALA A 111 25.14 -18.64 2.90
C ALA A 111 24.20 -18.50 1.69
N PHE A 112 23.26 -17.56 1.74
CA PHE A 112 22.45 -17.26 0.56
C PHE A 112 23.26 -16.38 -0.37
N GLU A 113 23.15 -16.64 -1.67
CA GLU A 113 23.86 -15.84 -2.67
C GLU A 113 23.22 -15.96 -4.05
N ASN A 114 23.10 -14.82 -4.72
CA ASN A 114 22.61 -14.76 -6.10
C ASN A 114 23.37 -13.68 -6.88
N LYS A 115 24.65 -13.50 -6.55
CA LYS A 115 25.50 -12.51 -7.18
C LYS A 115 25.70 -12.87 -8.65
N ALA A 116 25.25 -11.99 -9.55
CA ALA A 116 25.24 -12.24 -10.99
C ALA A 116 24.32 -13.40 -11.37
N GLY A 117 23.39 -13.75 -10.49
CA GLY A 117 22.45 -14.84 -10.73
C GLY A 117 21.06 -14.25 -10.90
N LEU A 118 20.06 -15.10 -11.10
CA LEU A 118 18.71 -14.59 -11.37
C LEU A 118 17.55 -15.38 -10.71
N PRO A 119 16.92 -16.35 -11.40
CA PRO A 119 15.60 -16.78 -10.91
C PRO A 119 15.62 -17.33 -9.49
N VAL A 120 14.77 -16.78 -8.62
CA VAL A 120 14.58 -17.28 -7.26
C VAL A 120 13.11 -17.67 -7.10
N GLU A 121 12.87 -18.97 -6.94
CA GLU A 121 11.53 -19.52 -7.07
C GLU A 121 10.77 -19.51 -5.74
N PRO A 122 9.41 -19.61 -5.82
CA PRO A 122 8.60 -19.51 -4.60
C PRO A 122 8.92 -20.58 -3.57
N ALA A 123 9.22 -21.80 -4.01
CA ALA A 123 9.65 -22.86 -3.11
C ALA A 123 10.89 -22.41 -2.32
N THR A 124 11.91 -21.95 -3.03
CA THR A 124 13.15 -21.46 -2.41
C THR A 124 12.83 -20.49 -1.27
N PHE A 125 12.00 -19.51 -1.56
CA PHE A 125 11.74 -18.40 -0.65
C PHE A 125 10.97 -18.83 0.59
N GLN A 126 9.98 -19.70 0.39
CA GLN A 126 9.10 -20.09 1.49
C GLN A 126 9.88 -20.78 2.60
N LEU A 127 10.97 -21.46 2.25
CA LEU A 127 11.87 -22.02 3.24
C LEU A 127 12.40 -20.95 4.18
N TYR A 128 12.69 -19.78 3.64
CA TYR A 128 13.22 -18.66 4.42
C TYR A 128 12.15 -17.83 5.18
N VAL A 129 10.87 -18.02 4.87
CA VAL A 129 9.83 -17.17 5.48
C VAL A 129 9.83 -17.25 7.00
N PRO A 130 9.89 -18.48 7.56
CA PRO A 130 9.92 -18.60 9.02
C PRO A 130 11.13 -17.91 9.65
N ALA A 131 12.27 -17.98 8.98
CA ALA A 131 13.48 -17.31 9.46
C ALA A 131 13.34 -15.79 9.40
N LEU A 132 12.87 -15.29 8.26
CA LEU A 132 12.75 -13.87 8.02
C LEU A 132 11.84 -13.20 9.04
N SER A 133 10.65 -13.78 9.25
CA SER A 133 9.70 -13.22 10.20
C SER A 133 10.27 -13.17 11.61
N ALA A 134 10.96 -14.23 12.02
CA ALA A 134 11.52 -14.31 13.36
C ALA A 134 12.57 -13.24 13.57
N LEU A 135 13.49 -13.12 12.61
CA LEU A 135 14.55 -12.12 12.67
C LEU A 135 14.01 -10.70 12.69
N TRP A 136 13.02 -10.43 11.84
CA TRP A 136 12.46 -9.09 11.72
C TRP A 136 11.83 -8.65 13.04
N ARG A 137 11.26 -9.60 13.77
CA ARG A 137 10.69 -9.34 15.08
C ARG A 137 11.76 -9.01 16.13
N ASP A 138 12.97 -9.50 15.92
CA ASP A 138 14.07 -9.23 16.85
C ASP A 138 14.41 -7.74 16.84
N SER A 139 14.36 -7.14 18.03
CA SER A 139 14.68 -5.72 18.20
C SER A 139 16.14 -5.42 17.87
N GLY A 140 17.02 -6.41 18.05
CA GLY A 140 18.42 -6.30 17.66
C GLY A 140 18.59 -5.99 16.17
N ILE A 141 17.75 -6.61 15.34
CA ILE A 141 17.80 -6.42 13.88
C ILE A 141 17.17 -5.10 13.45
N ARG A 142 15.97 -4.80 13.94
CA ARG A 142 15.34 -3.52 13.65
C ARG A 142 16.26 -2.35 14.04
N GLU A 143 17.00 -2.51 15.13
CA GLU A 143 17.99 -1.51 15.55
C GLU A 143 19.15 -1.43 14.57
N ALA A 144 19.51 -2.56 13.98
CA ALA A 144 20.52 -2.60 12.93
C ALA A 144 20.05 -1.88 11.69
N PHE A 145 18.76 -2.02 11.38
CA PHE A 145 18.16 -1.28 10.26
C PHE A 145 18.14 0.23 10.53
N SER A 146 18.02 0.61 11.80
CA SER A 146 18.07 2.03 12.19
C SER A 146 19.45 2.65 12.00
N ARG A 147 20.49 1.83 12.10
CA ARG A 147 21.86 2.28 11.83
C ARG A 147 22.24 1.94 10.39
N ARG A 148 21.24 1.79 9.52
CA ARG A 148 21.42 1.52 8.10
C ARG A 148 22.56 2.31 7.50
N SER A 149 22.52 3.63 7.70
CA SER A 149 23.47 4.55 7.07
C SER A 149 24.95 4.27 7.42
N GLU A 150 25.20 3.40 8.38
CA GLU A 150 26.57 2.97 8.69
C GLU A 150 27.12 1.96 7.68
N PHE A 151 26.29 1.55 6.72
CA PHE A 151 26.72 0.61 5.68
C PHE A 151 25.91 0.82 4.39
N GLN A 152 25.73 -0.24 3.61
CA GLN A 152 24.97 -0.19 2.36
C GLN A 152 23.79 -1.16 2.39
N LEU A 153 22.58 -0.62 2.31
CA LEU A 153 21.35 -1.42 2.30
C LEU A 153 20.21 -0.58 1.73
N GLY A 154 19.61 -1.05 0.64
CA GLY A 154 18.44 -0.38 0.06
C GLY A 154 17.24 -0.53 0.98
N GLU A 155 16.92 0.54 1.71
CA GLU A 155 15.91 0.50 2.78
C GLU A 155 14.52 -0.02 2.35
N SER A 156 14.34 -0.22 1.05
CA SER A 156 13.20 -0.96 0.51
C SER A 156 13.01 -2.34 1.16
N VAL A 157 14.01 -2.79 1.92
CA VAL A 157 13.92 -4.05 2.69
C VAL A 157 12.82 -4.00 3.75
N LYS A 158 12.71 -2.87 4.43
CA LYS A 158 11.79 -2.72 5.54
C LYS A 158 10.35 -2.98 5.13
N TYR A 159 9.92 -2.33 4.05
CA TYR A 159 8.56 -2.46 3.55
C TYR A 159 8.13 -3.92 3.35
N PHE A 160 9.03 -4.70 2.76
CA PHE A 160 8.72 -6.10 2.48
C PHE A 160 8.64 -6.93 3.76
N LEU A 161 9.69 -6.89 4.58
CA LEU A 161 9.66 -7.58 5.87
C LEU A 161 8.50 -7.11 6.74
N ASP A 162 8.09 -5.85 6.57
CA ASP A 162 6.92 -5.31 7.28
C ASP A 162 5.62 -5.96 6.87
N ASN A 163 5.49 -6.37 5.61
CA ASN A 163 4.33 -7.15 5.18
C ASN A 163 4.76 -8.42 4.44
N LEU A 164 5.72 -9.12 5.07
CA LEU A 164 6.13 -10.47 4.71
C LEU A 164 4.98 -11.47 4.78
N ASP A 165 3.95 -11.14 5.54
CA ASP A 165 2.83 -12.05 5.77
C ASP A 165 2.07 -12.42 4.51
N ARG A 166 1.91 -11.47 3.60
CA ARG A 166 1.26 -11.79 2.32
C ARG A 166 2.25 -12.00 1.17
N ILE A 167 3.48 -11.56 1.34
CA ILE A 167 4.54 -11.89 0.38
C ILE A 167 4.95 -13.34 0.61
N GLY A 168 5.06 -13.72 1.88
CA GLY A 168 5.42 -15.08 2.27
C GLY A 168 4.29 -16.11 2.21
N GLN A 169 3.10 -15.67 1.82
CA GLN A 169 1.98 -16.57 1.52
C GLN A 169 2.33 -17.37 0.28
N LEU A 170 1.83 -18.59 0.19
CA LEU A 170 2.33 -19.55 -0.80
C LEU A 170 2.01 -19.17 -2.25
N ASN A 171 0.82 -18.63 -2.52
CA ASN A 171 0.40 -18.33 -3.90
C ASN A 171 0.57 -16.87 -4.31
N TYR A 172 1.52 -16.19 -3.67
CA TYR A 172 1.70 -14.75 -3.82
C TYR A 172 2.01 -14.30 -5.25
N PHE A 173 1.33 -13.25 -5.68
CA PHE A 173 1.72 -12.44 -6.83
C PHE A 173 1.97 -11.02 -6.32
N PRO A 174 2.92 -10.29 -6.94
CA PRO A 174 3.22 -8.93 -6.48
C PRO A 174 2.13 -7.90 -6.78
N SER A 175 1.97 -6.94 -5.89
CA SER A 175 1.09 -5.82 -6.15
C SER A 175 1.85 -4.74 -6.90
N LYS A 176 1.14 -3.71 -7.32
CA LYS A 176 1.75 -2.55 -7.94
C LYS A 176 2.76 -1.97 -6.97
N GLN A 177 2.36 -1.85 -5.71
CA GLN A 177 3.20 -1.21 -4.71
C GLN A 177 4.44 -2.00 -4.39
N ASP A 178 4.33 -3.33 -4.35
CA ASP A 178 5.50 -4.18 -4.20
C ASP A 178 6.47 -3.90 -5.33
N ILE A 179 5.93 -3.91 -6.57
CA ILE A 179 6.70 -3.75 -7.80
C ILE A 179 7.49 -2.46 -7.83
N LEU A 180 6.82 -1.34 -7.54
CA LEU A 180 7.43 -0.03 -7.50
C LEU A 180 8.53 0.04 -6.44
N LEU A 181 8.33 -0.70 -5.34
CA LEU A 181 9.32 -0.75 -4.27
C LEU A 181 10.48 -1.70 -4.53
N ALA A 182 10.30 -2.64 -5.46
CA ALA A 182 11.37 -3.55 -5.86
C ALA A 182 12.53 -2.80 -6.52
N ARG A 183 13.70 -3.43 -6.46
CA ARG A 183 14.94 -2.80 -6.87
C ARG A 183 15.75 -3.75 -7.77
N LYS A 184 16.09 -3.27 -8.96
CA LYS A 184 17.07 -3.92 -9.80
C LYS A 184 17.98 -2.83 -10.33
N ALA A 185 19.29 -3.06 -10.25
CA ALA A 185 20.28 -2.09 -10.71
C ALA A 185 20.30 -2.06 -12.23
N THR A 186 20.10 -0.88 -12.82
CA THR A 186 20.07 -0.76 -14.27
C THR A 186 21.51 -0.74 -14.78
N LYS A 187 21.87 -1.80 -15.51
CA LYS A 187 23.21 -1.96 -16.08
C LYS A 187 23.21 -1.69 -17.59
N GLY A 188 22.14 -1.09 -18.10
CA GLY A 188 22.03 -0.80 -19.53
C GLY A 188 21.23 0.46 -19.84
N ILE A 189 20.65 0.49 -21.03
CA ILE A 189 19.76 1.57 -21.47
C ILE A 189 18.41 0.96 -21.84
N VAL A 190 17.33 1.71 -21.66
CA VAL A 190 15.98 1.24 -22.05
C VAL A 190 15.05 2.37 -22.50
N GLU A 191 14.80 2.44 -23.80
CA GLU A 191 13.79 3.35 -24.32
C GLU A 191 12.41 2.81 -23.95
N HIS A 192 11.49 3.72 -23.65
CA HIS A 192 10.12 3.35 -23.29
C HIS A 192 9.17 4.33 -23.96
N ASP A 193 8.29 3.81 -24.83
CA ASP A 193 7.44 4.65 -25.66
C ASP A 193 6.03 4.75 -25.10
N PHE A 194 5.47 5.95 -25.13
CA PHE A 194 4.10 6.21 -24.72
C PHE A 194 3.48 7.25 -25.64
N VAL A 195 2.16 7.33 -25.64
CA VAL A 195 1.44 8.43 -26.28
C VAL A 195 0.49 9.04 -25.25
N ILE A 196 0.87 10.18 -24.70
CA ILE A 196 0.10 10.84 -23.65
C ILE A 196 -0.62 12.05 -24.23
N LYS A 197 -1.94 12.07 -24.10
CA LYS A 197 -2.80 13.08 -24.72
C LYS A 197 -2.45 13.30 -26.20
N LYS A 198 -2.35 12.19 -26.94
CA LYS A 198 -2.12 12.21 -28.38
C LYS A 198 -0.74 12.73 -28.80
N ILE A 199 0.20 12.81 -27.85
CA ILE A 199 1.55 13.30 -28.11
C ILE A 199 2.53 12.15 -27.86
N PRO A 200 3.29 11.75 -28.89
CA PRO A 200 4.17 10.58 -28.72
C PRO A 200 5.44 10.88 -27.91
N PHE A 201 5.47 10.42 -26.67
CA PHE A 201 6.66 10.56 -25.81
C PHE A 201 7.59 9.37 -25.99
N LYS A 202 8.85 9.57 -25.62
CA LYS A 202 9.85 8.52 -25.64
C LYS A 202 10.86 8.78 -24.53
N MET A 203 10.83 7.95 -23.48
CA MET A 203 11.69 8.16 -22.32
C MET A 203 12.78 7.11 -22.25
N VAL A 204 13.97 7.55 -21.86
CA VAL A 204 15.12 6.67 -21.77
C VAL A 204 15.58 6.61 -20.32
N ASP A 205 15.70 5.40 -19.81
CA ASP A 205 16.22 5.17 -18.49
C ASP A 205 17.62 4.55 -18.64
N VAL A 206 18.60 5.13 -17.93
CA VAL A 206 19.98 4.62 -17.93
C VAL A 206 20.44 4.53 -16.49
N GLY A 207 21.60 3.91 -16.27
CA GLY A 207 22.14 3.68 -14.92
C GLY A 207 22.92 4.86 -14.37
N GLY A 208 22.90 4.99 -13.04
CA GLY A 208 23.46 6.16 -12.37
C GLY A 208 24.83 5.98 -11.74
N GLN A 209 25.29 4.75 -11.60
CA GLN A 209 26.57 4.47 -10.95
C GLN A 209 27.76 4.89 -11.82
N ARG A 210 28.85 5.28 -11.16
CA ARG A 210 30.05 5.76 -11.84
C ARG A 210 30.34 4.95 -13.11
N SER A 211 30.26 3.63 -13.00
CA SER A 211 30.53 2.75 -14.13
C SER A 211 29.57 2.98 -15.29
N GLN A 212 28.30 3.22 -14.98
CA GLN A 212 27.26 3.34 -16.00
C GLN A 212 27.25 4.70 -16.68
N ARG A 213 27.59 5.76 -15.94
CA ARG A 213 27.62 7.11 -16.50
C ARG A 213 28.32 7.14 -17.86
N GLN A 214 29.37 6.34 -17.99
CA GLN A 214 30.13 6.21 -19.23
C GLN A 214 29.27 6.00 -20.49
N LYS A 215 28.03 5.52 -20.31
CA LYS A 215 27.13 5.24 -21.42
C LYS A 215 26.29 6.45 -21.83
N TRP A 216 26.09 7.38 -20.88
CA TRP A 216 25.15 8.50 -21.03
C TRP A 216 25.21 9.22 -22.38
N PHE A 217 26.42 9.42 -22.90
CA PHE A 217 26.65 10.20 -24.13
C PHE A 217 25.92 9.64 -25.37
N GLN A 218 25.58 8.35 -25.33
CA GLN A 218 24.82 7.74 -26.40
C GLN A 218 23.38 8.26 -26.44
N CYS A 219 22.83 8.57 -25.28
CA CYS A 219 21.45 9.04 -25.15
C CYS A 219 21.29 10.55 -25.29
N PHE A 220 22.40 11.30 -25.29
CA PHE A 220 22.34 12.75 -25.42
C PHE A 220 21.89 13.20 -26.81
N ASP A 221 21.76 12.25 -27.74
CA ASP A 221 21.26 12.60 -29.07
C ASP A 221 19.79 13.03 -29.04
N GLY A 222 19.51 14.16 -29.69
CA GLY A 222 18.14 14.63 -29.94
C GLY A 222 17.15 14.56 -28.80
N ILE A 223 17.61 14.85 -27.59
CA ILE A 223 16.72 14.86 -26.42
C ILE A 223 16.07 16.25 -26.25
N THR A 224 14.79 16.24 -25.88
CA THR A 224 14.01 17.46 -25.70
C THR A 224 14.00 17.90 -24.24
N SER A 225 14.32 16.99 -23.34
CA SER A 225 14.31 17.32 -21.93
C SER A 225 15.16 16.34 -21.14
N ILE A 226 15.54 16.76 -19.94
CA ILE A 226 16.26 15.89 -19.00
C ILE A 226 15.56 15.95 -17.65
N LEU A 227 15.11 14.80 -17.16
CA LEU A 227 14.53 14.68 -15.83
C LEU A 227 15.58 14.23 -14.82
N PHE A 228 16.27 15.20 -14.21
CA PHE A 228 17.34 14.87 -13.26
C PHE A 228 16.74 14.58 -11.90
N MET A 229 17.12 13.45 -11.32
CA MET A 229 16.56 13.00 -10.04
C MET A 229 17.59 12.98 -8.92
N VAL A 230 17.11 13.19 -7.70
CA VAL A 230 17.99 13.25 -6.53
C VAL A 230 17.35 12.58 -5.33
N SER A 231 17.96 11.50 -4.89
CA SER A 231 17.59 10.88 -3.63
C SER A 231 17.93 11.83 -2.49
N SER A 232 16.95 12.67 -2.13
CA SER A 232 17.16 13.77 -1.20
C SER A 232 17.30 13.33 0.26
N SER A 233 16.95 12.08 0.55
CA SER A 233 17.10 11.52 1.89
C SER A 233 18.54 11.06 2.20
N GLU A 234 19.48 11.26 1.29
CA GLU A 234 20.78 10.59 1.41
C GLU A 234 21.93 11.49 1.85
N TYR A 235 21.63 12.52 2.64
CA TYR A 235 22.66 13.44 3.13
C TYR A 235 23.58 12.77 4.14
N ASP A 236 23.06 11.79 4.88
CA ASP A 236 23.85 11.04 5.85
C ASP A 236 24.53 9.79 5.27
N GLN A 237 24.21 9.43 4.03
CA GLN A 237 24.72 8.19 3.45
C GLN A 237 25.98 8.42 2.61
N VAL A 238 26.85 7.40 2.55
CA VAL A 238 28.03 7.43 1.66
C VAL A 238 27.73 6.63 0.40
N LEU A 239 28.37 7.01 -0.70
CA LEU A 239 28.12 6.39 -1.99
C LEU A 239 28.55 4.92 -1.93
N MET A 240 27.84 4.06 -2.65
CA MET A 240 28.12 2.63 -2.62
C MET A 240 29.45 2.29 -3.27
N GLU A 241 29.64 2.76 -4.50
CA GLU A 241 30.82 2.38 -5.29
C GLU A 241 32.14 2.92 -4.74
N ASP A 242 32.07 3.73 -3.68
CA ASP A 242 33.25 4.02 -2.87
C ASP A 242 32.83 4.28 -1.42
N ARG A 243 33.65 3.83 -0.47
CA ARG A 243 33.34 3.93 0.96
C ARG A 243 33.19 5.36 1.52
N ARG A 244 33.66 6.37 0.80
CA ARG A 244 33.96 7.68 1.40
C ARG A 244 33.18 8.90 0.88
N THR A 245 32.84 8.93 -0.41
CA THR A 245 32.18 10.10 -1.00
C THR A 245 30.70 10.17 -0.57
N ASN A 246 30.23 11.37 -0.23
CA ASN A 246 28.85 11.60 0.18
C ASN A 246 27.90 11.56 -1.01
N ARG A 247 26.75 10.89 -0.82
CA ARG A 247 25.79 10.63 -1.90
C ARG A 247 25.18 11.90 -2.51
N LEU A 248 24.80 12.84 -1.64
CA LEU A 248 24.14 14.06 -2.08
C LEU A 248 25.11 15.04 -2.73
N VAL A 249 26.34 15.08 -2.23
CA VAL A 249 27.39 15.89 -2.85
C VAL A 249 27.63 15.42 -4.30
N GLU A 250 27.64 14.11 -4.50
CA GLU A 250 27.82 13.53 -5.84
C GLU A 250 26.70 13.96 -6.77
N SER A 251 25.47 13.88 -6.26
CA SER A 251 24.30 14.34 -7.00
C SER A 251 24.47 15.77 -7.47
N MET A 252 24.86 16.64 -6.53
CA MET A 252 25.13 18.05 -6.83
C MET A 252 26.26 18.16 -7.86
N ASN A 253 27.36 17.44 -7.64
CA ASN A 253 28.47 17.44 -8.60
C ASN A 253 28.05 17.08 -10.02
N ILE A 254 27.20 16.06 -10.15
CA ILE A 254 26.74 15.60 -11.45
C ILE A 254 25.83 16.64 -12.08
N PHE A 255 24.90 17.16 -11.28
CA PHE A 255 23.96 18.17 -11.73
C PHE A 255 24.69 19.36 -12.32
N GLU A 256 25.73 19.82 -11.62
CA GLU A 256 26.48 21.00 -12.05
C GLU A 256 27.01 20.82 -13.47
N THR A 257 27.49 19.61 -13.78
CA THR A 257 28.10 19.34 -15.06
C THR A 257 27.09 19.26 -16.18
N ILE A 258 25.91 18.73 -15.88
CA ILE A 258 24.86 18.57 -16.88
C ILE A 258 24.17 19.92 -17.15
N VAL A 259 23.79 20.59 -16.08
CA VAL A 259 22.95 21.79 -16.18
C VAL A 259 23.63 22.93 -16.93
N ASN A 260 24.97 23.01 -16.84
CA ASN A 260 25.76 24.08 -17.44
C ASN A 260 26.42 23.66 -18.74
N ASN A 261 25.79 22.78 -19.50
CA ASN A 261 26.41 22.27 -20.71
C ASN A 261 25.79 22.84 -21.98
N LYS A 262 26.64 23.46 -22.81
CA LYS A 262 26.28 23.94 -24.16
C LYS A 262 25.37 22.99 -24.90
N LEU A 263 25.77 21.72 -24.92
CA LEU A 263 25.02 20.68 -25.61
C LEU A 263 23.53 20.70 -25.20
N PHE A 264 23.28 21.01 -23.93
CA PHE A 264 21.92 21.11 -23.41
C PHE A 264 21.47 22.55 -23.23
N PHE A 265 21.80 23.42 -24.19
CA PHE A 265 21.36 24.82 -24.16
C PHE A 265 19.87 24.95 -24.58
N ASN A 266 19.47 24.16 -25.58
CA ASN A 266 18.08 24.15 -26.05
C ASN A 266 17.30 22.95 -25.50
N VAL A 267 17.55 22.65 -24.22
CA VAL A 267 16.98 21.48 -23.56
C VAL A 267 16.37 21.89 -22.21
N SER A 268 15.15 21.43 -21.94
CA SER A 268 14.51 21.67 -20.66
C SER A 268 15.11 20.75 -19.62
N ILE A 269 15.50 21.31 -18.47
CA ILE A 269 16.12 20.53 -17.40
C ILE A 269 15.30 20.70 -16.13
N ILE A 270 14.70 19.61 -15.66
CA ILE A 270 13.80 19.67 -14.52
C ILE A 270 14.28 18.73 -13.40
N LEU A 271 14.36 19.26 -12.19
CA LEU A 271 14.94 18.56 -11.05
C LEU A 271 13.87 17.91 -10.18
N PHE A 272 14.09 16.63 -9.82
CA PHE A 272 13.16 15.87 -8.99
C PHE A 272 13.78 15.51 -7.65
N LEU A 273 13.53 16.32 -6.63
CA LEU A 273 13.95 15.95 -5.29
C LEU A 273 13.04 14.84 -4.82
N ASN A 274 13.57 13.63 -4.80
CA ASN A 274 12.78 12.42 -4.62
C ASN A 274 13.00 11.83 -3.24
N LYS A 275 12.22 10.81 -2.90
CA LYS A 275 12.27 10.15 -1.58
C LYS A 275 11.86 11.12 -0.47
N MET A 276 10.93 12.00 -0.80
CA MET A 276 10.43 13.04 0.09
C MET A 276 9.80 12.44 1.35
N ASP A 277 9.18 11.27 1.19
CA ASP A 277 8.56 10.57 2.30
C ASP A 277 9.60 9.96 3.25
N LEU A 278 10.71 9.51 2.69
CA LEU A 278 11.84 9.03 3.51
C LEU A 278 12.55 10.20 4.14
N LEU A 279 12.69 11.28 3.38
CA LEU A 279 13.33 12.50 3.87
C LEU A 279 12.67 12.96 5.15
N VAL A 280 11.34 13.03 5.14
CA VAL A 280 10.55 13.41 6.31
C VAL A 280 11.02 12.68 7.57
N GLU A 281 11.27 11.39 7.42
CA GLU A 281 11.69 10.55 8.54
C GLU A 281 13.06 10.96 9.07
N LYS A 282 14.04 11.05 8.17
CA LYS A 282 15.43 11.32 8.55
C LYS A 282 15.56 12.66 9.24
N VAL A 283 14.90 13.67 8.66
CA VAL A 283 14.87 15.02 9.20
C VAL A 283 14.58 15.00 10.71
N LYS A 284 13.61 14.18 11.12
CA LYS A 284 13.23 14.06 12.53
C LYS A 284 14.36 13.58 13.44
N SER A 285 15.13 12.58 13.01
CA SER A 285 16.10 11.90 13.89
C SER A 285 17.56 12.26 13.62
N VAL A 286 17.95 12.24 12.35
CA VAL A 286 19.33 12.58 11.95
C VAL A 286 19.36 13.99 11.36
N SER A 287 20.38 14.76 11.75
CA SER A 287 20.54 16.15 11.30
C SER A 287 21.50 16.25 10.12
N ILE A 288 21.17 17.12 9.18
CA ILE A 288 22.06 17.45 8.07
C ILE A 288 23.20 18.37 8.52
N LYS A 289 23.03 19.07 9.63
CA LYS A 289 24.04 19.99 10.16
C LYS A 289 25.42 19.32 10.29
N LYS A 290 25.40 18.07 10.75
CA LYS A 290 26.61 17.27 10.86
C LYS A 290 27.34 17.14 9.52
N HIS A 291 26.57 16.93 8.45
CA HIS A 291 27.15 16.62 7.15
C HIS A 291 27.36 17.85 6.28
N PHE A 292 26.46 18.83 6.38
CA PHE A 292 26.60 20.10 5.66
C PHE A 292 26.66 21.22 6.71
N PRO A 293 27.87 21.61 7.13
CA PRO A 293 27.98 22.56 8.24
C PRO A 293 27.51 23.96 7.84
N ASP A 294 27.73 24.31 6.57
CA ASP A 294 27.29 25.60 6.03
C ASP A 294 25.76 25.80 6.09
N PHE A 295 25.01 24.70 6.23
CA PHE A 295 23.57 24.79 6.45
C PHE A 295 23.28 25.73 7.62
N LYS A 296 22.39 26.70 7.38
CA LYS A 296 22.04 27.68 8.39
C LYS A 296 20.53 27.78 8.43
N GLY A 297 19.92 26.91 9.22
CA GLY A 297 18.49 26.94 9.48
C GLY A 297 18.16 26.09 10.70
N ASP A 298 16.94 25.58 10.73
CA ASP A 298 16.51 24.62 11.72
C ASP A 298 16.70 23.23 11.13
N PRO A 299 17.64 22.42 11.68
CA PRO A 299 17.94 21.13 11.06
C PRO A 299 16.84 20.05 11.17
N HIS A 300 15.81 20.29 11.97
CA HIS A 300 14.72 19.34 12.13
C HIS A 300 13.39 19.88 11.64
N ARG A 301 13.43 20.83 10.71
CA ARG A 301 12.23 21.31 10.04
C ARG A 301 12.33 20.93 8.57
N LEU A 302 11.33 20.21 8.08
CA LEU A 302 11.32 19.73 6.69
C LEU A 302 11.62 20.85 5.69
N GLU A 303 10.90 21.96 5.81
CA GLU A 303 11.03 23.07 4.87
C GLU A 303 12.38 23.81 4.96
N ASP A 304 12.93 23.95 6.17
CA ASP A 304 14.27 24.48 6.33
C ASP A 304 15.25 23.69 5.47
N VAL A 305 15.12 22.37 5.54
CA VAL A 305 15.99 21.47 4.78
C VAL A 305 15.58 21.47 3.30
N GLN A 306 14.28 21.38 3.02
CA GLN A 306 13.77 21.41 1.64
C GLN A 306 14.32 22.59 0.86
N ARG A 307 14.21 23.79 1.43
CA ARG A 307 14.62 25.01 0.73
C ARG A 307 16.13 25.04 0.51
N TYR A 308 16.87 24.54 1.50
CA TYR A 308 18.33 24.49 1.39
C TYR A 308 18.77 23.66 0.19
N LEU A 309 18.07 22.55 -0.06
CA LEU A 309 18.42 21.67 -1.18
C LEU A 309 18.22 22.38 -2.52
N VAL A 310 17.03 22.93 -2.72
CA VAL A 310 16.73 23.72 -3.91
C VAL A 310 17.86 24.72 -4.17
N GLN A 311 18.24 25.42 -3.11
CA GLN A 311 19.26 26.45 -3.16
C GLN A 311 20.62 25.89 -3.58
N CYS A 312 21.03 24.80 -2.95
CA CYS A 312 22.29 24.15 -3.31
C CYS A 312 22.36 23.81 -4.78
N PHE A 313 21.28 23.24 -5.32
CA PHE A 313 21.22 22.89 -6.74
C PHE A 313 21.03 24.15 -7.58
N ASP A 314 20.27 25.11 -7.09
CA ASP A 314 20.21 26.41 -7.73
C ASP A 314 21.63 26.95 -7.93
N ARG A 315 22.42 26.90 -6.84
CA ARG A 315 23.77 27.49 -6.77
C ARG A 315 24.83 26.88 -7.71
N LYS A 316 24.61 25.66 -8.17
CA LYS A 316 25.55 25.03 -9.10
C LYS A 316 25.36 25.52 -10.54
N ARG A 317 24.35 26.37 -10.76
CA ARG A 317 24.05 26.89 -12.10
C ARG A 317 24.73 28.22 -12.36
N ARG A 318 25.30 28.35 -13.55
CA ARG A 318 25.93 29.61 -13.96
C ARG A 318 24.88 30.59 -14.49
N ASN A 319 23.83 30.06 -15.10
CA ASN A 319 22.78 30.88 -15.68
C ASN A 319 21.56 30.91 -14.78
N ARG A 320 21.72 31.53 -13.61
CA ARG A 320 20.63 31.63 -12.65
C ARG A 320 19.65 32.75 -13.01
N SER A 321 19.35 32.91 -14.30
CA SER A 321 18.42 33.95 -14.76
C SER A 321 17.04 33.35 -14.95
N LYS A 322 16.97 32.29 -15.76
CA LYS A 322 15.72 31.55 -15.94
C LYS A 322 15.54 30.65 -14.71
N PRO A 323 14.29 30.53 -14.18
CA PRO A 323 14.11 29.82 -12.91
C PRO A 323 14.30 28.30 -12.97
N LEU A 324 14.58 27.73 -11.79
CA LEU A 324 14.83 26.30 -11.64
C LEU A 324 13.53 25.51 -11.52
N PHE A 325 13.11 24.89 -12.63
CA PHE A 325 11.94 24.01 -12.58
C PHE A 325 12.27 22.86 -11.63
N HIS A 326 11.45 22.65 -10.61
CA HIS A 326 11.69 21.57 -9.66
C HIS A 326 10.42 21.11 -8.95
N HIS A 327 10.46 19.87 -8.47
CA HIS A 327 9.36 19.26 -7.72
C HIS A 327 9.93 18.40 -6.59
N PHE A 328 9.16 18.26 -5.52
CA PHE A 328 9.48 17.31 -4.45
C PHE A 328 8.63 16.04 -4.62
N THR A 329 9.20 14.99 -5.20
CA THR A 329 8.43 13.79 -5.53
C THR A 329 8.64 12.65 -4.54
N THR A 330 7.70 11.72 -4.58
CA THR A 330 7.88 10.40 -4.02
C THR A 330 7.49 9.41 -5.10
N ALA A 331 8.48 8.85 -5.77
CA ALA A 331 8.29 8.03 -6.97
C ALA A 331 7.60 6.69 -6.73
N ILE A 332 7.47 6.28 -5.48
CA ILE A 332 6.73 5.07 -5.15
C ILE A 332 5.22 5.33 -5.08
N ASP A 333 4.85 6.59 -4.83
CA ASP A 333 3.45 7.03 -4.69
C ASP A 333 2.89 7.45 -6.05
N THR A 334 2.00 6.62 -6.62
CA THR A 334 1.57 6.80 -8.01
C THR A 334 0.82 8.11 -8.29
N GLU A 335 0.01 8.57 -7.33
CA GLU A 335 -0.79 9.78 -7.55
C GLU A 335 0.13 10.99 -7.63
N ASN A 336 0.97 11.14 -6.61
CA ASN A 336 2.01 12.16 -6.62
C ASN A 336 2.63 12.32 -8.00
N ILE A 337 3.00 11.20 -8.61
CA ILE A 337 3.66 11.21 -9.91
C ILE A 337 2.71 11.62 -11.04
N ARG A 338 1.48 11.12 -11.04
CA ARG A 338 0.52 11.52 -12.08
C ARG A 338 0.34 13.02 -12.06
N PHE A 339 0.19 13.56 -10.85
CA PHE A 339 0.06 14.99 -10.62
C PHE A 339 1.32 15.70 -11.15
N VAL A 340 2.47 15.31 -10.59
CA VAL A 340 3.74 15.94 -10.92
C VAL A 340 4.03 15.89 -12.41
N PHE A 341 3.75 14.78 -13.07
CA PHE A 341 4.05 14.65 -14.49
C PHE A 341 3.20 15.56 -15.38
N HIS A 342 1.93 15.73 -15.05
CA HIS A 342 1.06 16.62 -15.80
C HIS A 342 1.64 18.04 -15.85
N ALA A 343 2.24 18.46 -14.74
CA ALA A 343 2.93 19.75 -14.66
C ALA A 343 4.16 19.74 -15.54
N VAL A 344 4.97 18.70 -15.39
CA VAL A 344 6.20 18.55 -16.17
C VAL A 344 5.89 18.52 -17.66
N LYS A 345 4.79 17.86 -18.05
CA LYS A 345 4.36 17.84 -19.45
C LYS A 345 4.15 19.25 -19.99
N ASP A 346 3.55 20.11 -19.18
CA ASP A 346 3.34 21.51 -19.56
C ASP A 346 4.67 22.24 -19.73
N THR A 347 5.43 22.35 -18.64
CA THR A 347 6.75 22.98 -18.67
C THR A 347 7.46 22.68 -19.98
N ILE A 348 7.61 21.40 -20.27
CA ILE A 348 8.35 20.95 -21.44
C ILE A 348 7.70 21.44 -22.74
N LEU A 349 6.43 21.12 -22.93
CA LEU A 349 5.74 21.41 -24.19
C LEU A 349 5.68 22.91 -24.49
N GLN A 350 5.47 23.71 -23.44
CA GLN A 350 5.41 25.17 -23.58
C GLN A 350 6.77 25.80 -23.98
N GLU A 351 7.88 25.16 -23.65
CA GLU A 351 9.20 25.67 -24.04
C GLU A 351 9.46 25.50 -25.55
N ARG B 34 -26.02 -15.03 -23.40
CA ARG B 34 -26.28 -15.50 -21.99
C ARG B 34 -25.42 -14.71 -20.99
N LEU B 35 -26.00 -13.64 -20.46
CA LEU B 35 -25.32 -12.77 -19.50
C LEU B 35 -25.47 -13.29 -18.08
N VAL B 36 -24.35 -13.66 -17.46
CA VAL B 36 -24.33 -14.20 -16.10
C VAL B 36 -24.60 -13.10 -15.08
N LYS B 37 -25.66 -13.28 -14.29
CA LYS B 37 -26.03 -12.34 -13.22
C LYS B 37 -25.61 -12.90 -11.86
N ILE B 38 -24.68 -12.21 -11.19
CA ILE B 38 -24.16 -12.62 -9.88
C ILE B 38 -24.67 -11.67 -8.80
N LEU B 39 -25.01 -12.21 -7.65
CA LEU B 39 -25.55 -11.42 -6.54
C LEU B 39 -24.61 -11.47 -5.32
N LEU B 40 -24.22 -10.30 -4.82
CA LEU B 40 -23.32 -10.20 -3.68
C LEU B 40 -24.12 -10.01 -2.40
N LEU B 41 -24.08 -11.03 -1.53
CA LEU B 41 -24.85 -11.02 -0.28
C LEU B 41 -23.96 -11.19 0.94
N GLY B 42 -24.51 -10.89 2.11
CA GLY B 42 -23.79 -11.02 3.37
C GLY B 42 -24.16 -9.92 4.35
N ALA B 43 -23.78 -10.11 5.61
CA ALA B 43 -24.09 -9.18 6.69
C ALA B 43 -23.36 -7.84 6.54
N GLY B 44 -23.79 -6.85 7.32
CA GLY B 44 -23.19 -5.50 7.26
C GLY B 44 -21.70 -5.51 7.57
N GLU B 45 -20.94 -4.72 6.81
CA GLU B 45 -19.48 -4.61 6.97
C GLU B 45 -18.78 -5.96 6.78
N SER B 46 -19.03 -6.57 5.63
CA SER B 46 -18.44 -7.87 5.26
C SER B 46 -17.52 -7.79 4.03
N GLY B 47 -17.62 -6.69 3.27
CA GLY B 47 -16.74 -6.44 2.13
C GLY B 47 -17.40 -6.53 0.77
N LYS B 48 -18.73 -6.56 0.74
CA LYS B 48 -19.46 -6.65 -0.53
C LYS B 48 -19.02 -5.57 -1.50
N SER B 49 -19.15 -4.32 -1.08
CA SER B 49 -18.76 -3.18 -1.89
C SER B 49 -17.28 -3.21 -2.24
N THR B 50 -16.46 -3.59 -1.25
CA THR B 50 -15.01 -3.67 -1.42
C THR B 50 -14.68 -4.61 -2.56
N PHE B 51 -15.33 -5.77 -2.58
CA PHE B 51 -15.19 -6.72 -3.69
C PHE B 51 -15.53 -6.05 -5.04
N LEU B 52 -16.72 -5.48 -5.09
CA LEU B 52 -17.26 -4.80 -6.28
C LEU B 52 -16.30 -3.75 -6.83
N LYS B 53 -15.55 -3.12 -5.93
CA LYS B 53 -14.51 -2.19 -6.34
C LYS B 53 -13.40 -2.95 -7.04
N GLN B 54 -12.94 -4.06 -6.43
CA GLN B 54 -11.87 -4.84 -7.01
C GLN B 54 -12.21 -5.31 -8.42
N MET B 55 -13.50 -5.47 -8.69
CA MET B 55 -13.98 -5.86 -10.02
C MET B 55 -13.79 -4.75 -11.04
N ARG B 56 -14.07 -3.51 -10.63
CA ARG B 56 -13.93 -2.35 -11.52
C ARG B 56 -12.47 -2.09 -11.82
N ILE B 57 -11.66 -2.04 -10.76
CA ILE B 57 -10.21 -1.95 -10.88
C ILE B 57 -9.68 -2.93 -11.92
N ILE B 58 -10.08 -4.20 -11.77
CA ILE B 58 -9.55 -5.29 -12.57
C ILE B 58 -10.20 -5.36 -13.95
N HIS B 59 -11.54 -5.36 -14.00
CA HIS B 59 -12.26 -5.62 -15.26
C HIS B 59 -13.06 -4.43 -15.84
N GLY B 60 -13.33 -3.41 -15.01
CA GLY B 60 -14.11 -2.23 -15.44
C GLY B 60 -13.24 -1.03 -15.78
N ARG B 61 -13.88 0.07 -16.20
CA ARG B 61 -13.15 1.28 -16.54
C ARG B 61 -12.83 2.09 -15.29
N GLU B 62 -11.63 2.69 -15.24
CA GLU B 62 -11.15 3.37 -14.03
C GLU B 62 -11.87 4.68 -13.76
N PHE B 63 -11.73 5.17 -12.52
CA PHE B 63 -12.65 6.16 -11.96
C PHE B 63 -12.31 7.57 -12.42
N ASP B 64 -13.30 8.27 -12.99
CA ASP B 64 -13.11 9.65 -13.41
C ASP B 64 -13.19 10.54 -12.18
N GLN B 65 -12.53 11.70 -12.26
CA GLN B 65 -12.40 12.62 -11.12
C GLN B 65 -13.66 12.70 -10.24
N LYS B 66 -14.84 12.71 -10.87
CA LYS B 66 -16.10 12.75 -10.12
C LYS B 66 -16.13 11.70 -8.99
N ALA B 67 -15.91 10.44 -9.35
CA ALA B 67 -15.87 9.36 -8.38
C ALA B 67 -14.67 9.49 -7.43
N LEU B 68 -13.51 9.79 -8.00
CA LEU B 68 -12.27 9.92 -7.22
C LEU B 68 -12.41 10.90 -6.06
N LEU B 69 -13.01 12.06 -6.32
CA LEU B 69 -13.24 13.07 -5.28
C LEU B 69 -14.25 12.58 -4.25
N GLU B 70 -15.24 11.82 -4.71
CA GLU B 70 -16.21 11.23 -3.80
C GLU B 70 -15.49 10.30 -2.83
N PHE B 71 -14.59 9.48 -3.37
CA PHE B 71 -13.83 8.57 -2.53
C PHE B 71 -13.03 9.32 -1.48
N ARG B 72 -12.53 10.49 -1.82
CA ARG B 72 -11.72 11.29 -0.91
C ARG B 72 -12.54 11.83 0.25
N ASP B 73 -13.71 12.38 -0.07
CA ASP B 73 -14.63 12.86 0.93
C ASP B 73 -14.85 11.77 1.95
N THR B 74 -15.17 10.59 1.43
CA THR B 74 -15.35 9.39 2.23
C THR B 74 -14.11 9.12 3.08
N ILE B 75 -12.93 9.15 2.47
CA ILE B 75 -11.70 8.91 3.22
C ILE B 75 -11.54 9.92 4.33
N PHE B 76 -11.62 11.20 3.97
CA PHE B 76 -11.53 12.26 4.95
C PHE B 76 -12.54 11.98 6.06
N ASP B 77 -13.81 11.83 5.69
CA ASP B 77 -14.85 11.53 6.65
C ASP B 77 -14.50 10.32 7.52
N ASN B 78 -14.14 9.22 6.87
CA ASN B 78 -13.71 7.99 7.57
C ASN B 78 -12.75 8.30 8.71
N ILE B 79 -11.80 9.20 8.42
CA ILE B 79 -10.74 9.51 9.37
C ILE B 79 -11.27 10.37 10.51
N LEU B 80 -12.16 11.30 10.20
CA LEU B 80 -12.67 12.23 11.20
C LEU B 80 -13.67 11.59 12.15
N LYS B 81 -14.54 10.71 11.64
CA LYS B 81 -15.55 10.05 12.45
C LYS B 81 -14.96 8.97 13.36
N GLY B 82 -13.99 8.24 12.83
CA GLY B 82 -13.32 7.19 13.57
C GLY B 82 -12.56 7.72 14.78
N SER B 83 -11.86 8.84 14.58
CA SER B 83 -11.10 9.48 15.64
C SER B 83 -12.04 9.95 16.74
N ARG B 84 -13.06 10.70 16.33
CA ARG B 84 -14.10 11.14 17.25
C ARG B 84 -14.48 10.00 18.18
N VAL B 85 -14.64 8.81 17.60
CA VAL B 85 -15.01 7.62 18.37
C VAL B 85 -13.85 7.16 19.25
N LEU B 86 -12.64 7.16 18.71
CA LEU B 86 -11.45 6.77 19.49
C LEU B 86 -11.22 7.70 20.68
N VAL B 87 -11.40 8.99 20.43
CA VAL B 87 -11.24 10.01 21.45
C VAL B 87 -12.29 9.89 22.55
N ASP B 88 -13.48 9.45 22.17
CA ASP B 88 -14.56 9.18 23.12
C ASP B 88 -14.41 7.82 23.77
N ALA B 89 -13.79 6.90 23.04
CA ALA B 89 -13.61 5.55 23.54
C ALA B 89 -12.75 5.55 24.80
N ARG B 90 -11.52 6.04 24.70
CA ARG B 90 -10.61 6.06 25.86
C ARG B 90 -11.16 6.86 27.04
N ASP B 91 -12.12 7.74 26.77
CA ASP B 91 -12.81 8.49 27.80
C ASP B 91 -13.87 7.60 28.48
N LYS B 92 -14.75 7.02 27.68
CA LYS B 92 -15.82 6.15 28.19
C LYS B 92 -15.32 4.80 28.72
N LEU B 93 -14.05 4.48 28.44
CA LEU B 93 -13.41 3.30 29.04
C LEU B 93 -12.42 3.69 30.14
N GLY B 94 -12.27 4.99 30.39
CA GLY B 94 -11.45 5.49 31.48
C GLY B 94 -9.95 5.52 31.22
N ILE B 95 -9.53 5.04 30.06
CA ILE B 95 -8.08 4.95 29.73
C ILE B 95 -7.43 6.33 29.84
N PRO B 96 -6.29 6.42 30.54
CA PRO B 96 -5.63 7.71 30.68
C PRO B 96 -4.87 8.11 29.41
N TRP B 97 -4.53 9.40 29.30
CA TRP B 97 -3.71 9.90 28.20
C TRP B 97 -2.27 9.51 28.44
N GLN B 98 -1.50 9.37 27.36
CA GLN B 98 -0.04 9.26 27.47
C GLN B 98 0.48 10.65 27.85
N HIS B 99 0.27 11.62 26.96
CA HIS B 99 0.57 13.01 27.25
C HIS B 99 -0.77 13.69 27.43
N SER B 100 -1.05 14.19 28.64
CA SER B 100 -2.35 14.77 28.97
C SER B 100 -2.65 16.09 28.25
N GLU B 101 -1.64 16.67 27.60
CA GLU B 101 -1.84 17.81 26.70
C GLU B 101 -2.81 17.47 25.57
N ASN B 102 -2.79 16.22 25.12
CA ASN B 102 -3.66 15.75 24.04
C ASN B 102 -5.16 15.94 24.28
N GLU B 103 -5.57 16.14 25.53
CA GLU B 103 -6.93 16.56 25.85
C GLU B 103 -7.43 17.53 24.80
N LYS B 104 -6.66 18.60 24.60
CA LYS B 104 -7.06 19.73 23.77
C LYS B 104 -7.17 19.35 22.30
N HIS B 105 -6.35 18.39 21.87
CA HIS B 105 -6.50 17.84 20.52
C HIS B 105 -7.80 17.08 20.44
N GLY B 106 -8.06 16.26 21.45
CA GLY B 106 -9.31 15.52 21.55
C GLY B 106 -10.53 16.42 21.40
N MET B 107 -10.50 17.56 22.10
CA MET B 107 -11.56 18.55 22.06
C MET B 107 -11.88 18.95 20.62
N PHE B 108 -10.83 19.08 19.81
CA PHE B 108 -10.95 19.60 18.46
C PHE B 108 -11.80 18.72 17.52
N LEU B 109 -11.93 17.44 17.88
CA LEU B 109 -12.72 16.46 17.11
C LEU B 109 -14.13 16.27 17.64
N MET B 110 -14.29 16.33 18.95
CA MET B 110 -15.56 16.04 19.63
C MET B 110 -16.75 16.50 18.83
N ALA B 111 -16.80 17.81 18.56
CA ALA B 111 -17.94 18.45 17.92
C ALA B 111 -17.94 18.32 16.40
N PHE B 112 -17.18 17.37 15.83
CA PHE B 112 -17.27 17.09 14.41
C PHE B 112 -18.49 16.22 14.15
N GLU B 113 -19.20 16.50 13.05
CA GLU B 113 -20.41 15.78 12.71
C GLU B 113 -20.70 15.87 11.22
N ASN B 114 -21.04 14.73 10.60
CA ASN B 114 -21.52 14.68 9.21
C ASN B 114 -22.59 13.60 9.07
N LYS B 115 -23.40 13.43 10.11
CA LYS B 115 -24.47 12.42 10.12
C LYS B 115 -25.52 12.83 9.09
N ALA B 116 -25.73 11.96 8.10
CA ALA B 116 -26.61 12.25 6.96
C ALA B 116 -26.11 13.40 6.10
N GLY B 117 -24.83 13.73 6.22
CA GLY B 117 -24.22 14.81 5.45
C GLY B 117 -23.24 14.23 4.45
N LEU B 118 -22.55 15.08 3.69
CA LEU B 118 -21.64 14.58 2.66
C LEU B 118 -20.35 15.37 2.48
N PRO B 119 -20.28 16.34 1.54
CA PRO B 119 -18.93 16.78 1.14
C PRO B 119 -18.05 17.31 2.28
N VAL B 120 -16.86 16.73 2.42
CA VAL B 120 -15.86 17.19 3.40
C VAL B 120 -14.59 17.60 2.62
N GLU B 121 -14.31 18.89 2.61
CA GLU B 121 -13.32 19.46 1.70
C GLU B 121 -11.89 19.42 2.26
N PRO B 122 -10.88 19.52 1.38
CA PRO B 122 -9.49 19.40 1.84
C PRO B 122 -9.10 20.46 2.87
N ALA B 123 -9.59 21.68 2.71
CA ALA B 123 -9.37 22.74 3.70
C ALA B 123 -9.87 22.30 5.08
N THR B 124 -11.11 21.82 5.13
CA THR B 124 -11.72 21.32 6.37
C THR B 124 -10.77 20.37 7.09
N PHE B 125 -10.31 19.37 6.35
CA PHE B 125 -9.55 18.26 6.89
C PHE B 125 -8.18 18.68 7.40
N GLN B 126 -7.52 19.55 6.63
CA GLN B 126 -6.15 19.96 6.94
C GLN B 126 -6.07 20.61 8.31
N LEU B 127 -7.15 21.28 8.72
CA LEU B 127 -7.22 21.83 10.08
C LEU B 127 -7.08 20.75 11.13
N TYR B 128 -7.65 19.57 10.87
CA TYR B 128 -7.59 18.44 11.79
C TYR B 128 -6.28 17.61 11.73
N VAL B 129 -5.46 17.79 10.69
CA VAL B 129 -4.30 16.91 10.52
C VAL B 129 -3.32 17.01 11.70
N PRO B 130 -3.00 18.22 12.16
CA PRO B 130 -2.15 18.34 13.35
C PRO B 130 -2.73 17.64 14.59
N ALA B 131 -4.05 17.72 14.77
CA ALA B 131 -4.73 17.05 15.88
C ALA B 131 -4.64 15.53 15.74
N LEU B 132 -4.98 15.05 14.55
CA LEU B 132 -5.04 13.62 14.28
C LEU B 132 -3.70 12.95 14.54
N SER B 133 -2.62 13.52 13.99
CA SER B 133 -1.29 12.95 14.16
C SER B 133 -0.88 12.88 15.62
N ALA B 134 -1.17 13.93 16.37
CA ALA B 134 -0.80 14.00 17.78
C ALA B 134 -1.52 12.93 18.59
N LEU B 135 -2.83 12.82 18.36
CA LEU B 135 -3.64 11.81 19.05
C LEU B 135 -3.22 10.40 18.72
N TRP B 136 -2.96 10.14 17.44
CA TRP B 136 -2.60 8.79 16.99
C TRP B 136 -1.29 8.34 17.66
N ARG B 137 -0.38 9.28 17.87
CA ARG B 137 0.88 9.00 18.56
C ARG B 137 0.68 8.66 20.03
N ASP B 138 -0.40 9.17 20.63
CA ASP B 138 -0.69 8.89 22.03
C ASP B 138 -0.99 7.41 22.24
N SER B 139 -0.23 6.77 23.12
CA SER B 139 -0.40 5.35 23.45
C SER B 139 -1.75 5.06 24.08
N GLY B 140 -2.31 6.06 24.76
CA GLY B 140 -3.67 5.95 25.29
C GLY B 140 -4.71 5.63 24.23
N ILE B 141 -4.57 6.28 23.06
CA ILE B 141 -5.51 6.11 21.95
C ILE B 141 -5.28 4.80 21.19
N ARG B 142 -4.03 4.50 20.86
CA ARG B 142 -3.71 3.22 20.23
C ARG B 142 -4.22 2.05 21.09
N GLU B 143 -4.13 2.18 22.41
CA GLU B 143 -4.65 1.15 23.32
C GLU B 143 -6.19 1.08 23.28
N ALA B 144 -6.82 2.24 23.06
CA ALA B 144 -8.27 2.30 22.85
C ALA B 144 -8.65 1.58 21.57
N PHE B 145 -7.83 1.73 20.52
CA PHE B 145 -8.05 1.01 19.28
C PHE B 145 -7.88 -0.50 19.47
N SER B 146 -7.01 -0.90 20.38
CA SER B 146 -6.81 -2.32 20.70
C SER B 146 -8.02 -2.93 21.42
N ARG B 147 -8.78 -2.11 22.14
CA ARG B 147 -10.04 -2.55 22.76
C ARG B 147 -11.23 -2.21 21.86
N ARG B 148 -10.96 -2.03 20.56
CA ARG B 148 -11.97 -1.75 19.55
C ARG B 148 -13.25 -2.54 19.75
N SER B 149 -13.08 -3.85 19.89
CA SER B 149 -14.20 -4.78 20.00
C SER B 149 -15.16 -4.52 21.14
N GLU B 150 -14.78 -3.64 22.08
CA GLU B 150 -15.67 -3.22 23.16
C GLU B 150 -16.71 -2.20 22.70
N PHE B 151 -16.64 -1.77 21.44
CA PHE B 151 -17.62 -0.81 20.90
C PHE B 151 -17.77 -1.00 19.38
N GLN B 152 -18.12 0.08 18.65
CA GLN B 152 -18.27 0.03 17.20
C GLN B 152 -17.31 1.00 16.53
N LEU B 153 -16.42 0.47 15.70
CA LEU B 153 -15.46 1.27 14.94
C LEU B 153 -14.89 0.44 13.80
N GLY B 154 -15.09 0.91 12.56
CA GLY B 154 -14.54 0.22 11.39
C GLY B 154 -13.03 0.35 11.35
N GLU B 155 -12.33 -0.72 11.72
CA GLU B 155 -10.87 -0.68 11.94
C GLU B 155 -10.04 -0.15 10.76
N SER B 156 -10.71 0.06 9.63
CA SER B 156 -10.14 0.81 8.51
C SER B 156 -9.57 2.18 8.93
N VAL B 157 -9.89 2.62 10.15
CA VAL B 157 -9.34 3.86 10.72
C VAL B 157 -7.82 3.81 10.88
N LYS B 158 -7.32 2.67 11.34
CA LYS B 158 -5.89 2.50 11.64
C LYS B 158 -5.02 2.76 10.44
N TYR B 159 -5.36 2.12 9.32
CA TYR B 159 -4.60 2.25 8.08
C TYR B 159 -4.36 3.71 7.68
N PHE B 160 -5.41 4.51 7.78
CA PHE B 160 -5.33 5.92 7.38
C PHE B 160 -4.47 6.73 8.33
N LEU B 161 -4.81 6.67 9.62
CA LEU B 161 -3.99 7.33 10.64
C LEU B 161 -2.54 6.85 10.63
N ASP B 162 -2.32 5.60 10.23
CA ASP B 162 -0.97 5.05 10.07
C ASP B 162 -0.19 5.72 8.94
N ASN B 163 -0.87 6.14 7.88
CA ASN B 163 -0.22 6.92 6.82
C ASN B 163 -0.99 8.22 6.51
N LEU B 164 -1.35 8.90 7.60
CA LEU B 164 -1.89 10.27 7.59
C LEU B 164 -0.94 11.27 6.93
N ASP B 165 0.34 10.92 6.89
CA ASP B 165 1.37 11.81 6.39
C ASP B 165 1.19 12.21 4.94
N ARG B 166 0.75 11.27 4.12
CA ARG B 166 0.49 11.58 2.71
C ARG B 166 -0.99 11.82 2.41
N ILE B 167 -1.88 11.37 3.28
CA ILE B 167 -3.28 11.72 3.16
C ILE B 167 -3.47 13.17 3.64
N GLY B 168 -2.76 13.53 4.71
CA GLY B 168 -2.80 14.88 5.27
C GLY B 168 -1.96 15.92 4.54
N GLN B 169 -1.23 15.48 3.50
CA GLN B 169 -0.54 16.42 2.61
C GLN B 169 -1.57 17.21 1.82
N LEU B 170 -1.22 18.43 1.44
CA LEU B 170 -2.21 19.40 0.97
C LEU B 170 -2.87 19.03 -0.37
N ASN B 171 -2.09 18.49 -1.30
CA ASN B 171 -2.60 18.21 -2.65
C ASN B 171 -2.98 16.75 -2.88
N TYR B 172 -3.37 16.08 -1.81
CA TYR B 172 -3.59 14.64 -1.83
C TYR B 172 -4.75 14.18 -2.76
N PHE B 173 -4.47 13.17 -3.55
CA PHE B 173 -5.51 12.37 -4.22
C PHE B 173 -5.41 10.94 -3.67
N PRO B 174 -6.54 10.20 -3.60
CA PRO B 174 -6.50 8.84 -3.05
C PRO B 174 -5.84 7.81 -3.96
N SER B 175 -5.16 6.84 -3.36
CA SER B 175 -4.62 5.73 -4.11
C SER B 175 -5.70 4.69 -4.26
N LYS B 176 -5.42 3.63 -5.04
CA LYS B 176 -6.32 2.50 -5.15
C LYS B 176 -6.50 1.91 -3.77
N GLN B 177 -5.39 1.78 -3.05
CA GLN B 177 -5.42 1.12 -1.75
C GLN B 177 -6.21 1.91 -0.72
N ASP B 178 -6.09 3.23 -0.75
CA ASP B 178 -6.92 4.08 0.08
C ASP B 178 -8.38 3.82 -0.22
N ILE B 179 -8.72 3.83 -1.50
CA ILE B 179 -10.09 3.69 -1.99
C ILE B 179 -10.73 2.39 -1.51
N LEU B 180 -10.03 1.29 -1.73
CA LEU B 180 -10.50 -0.03 -1.32
C LEU B 180 -10.74 -0.10 0.17
N LEU B 181 -9.90 0.60 0.91
CA LEU B 181 -10.01 0.66 2.37
C LEU B 181 -11.10 1.62 2.89
N ALA B 182 -11.50 2.56 2.06
CA ALA B 182 -12.58 3.48 2.41
C ALA B 182 -13.91 2.75 2.58
N ARG B 183 -14.78 3.37 3.37
CA ARG B 183 -16.03 2.75 3.80
C ARG B 183 -17.20 3.69 3.58
N LYS B 184 -18.20 3.22 2.85
CA LYS B 184 -19.49 3.89 2.79
C LYS B 184 -20.56 2.82 2.90
N ALA B 185 -21.54 3.04 3.79
CA ALA B 185 -22.60 2.08 4.02
C ALA B 185 -23.55 2.06 2.82
N THR B 186 -23.75 0.89 2.22
CA THR B 186 -24.62 0.79 1.05
C THR B 186 -26.08 0.78 1.54
N LYS B 187 -26.79 1.85 1.20
CA LYS B 187 -28.20 2.01 1.59
C LYS B 187 -29.13 1.75 0.41
N GLY B 188 -28.60 1.17 -0.67
CA GLY B 188 -29.41 0.90 -1.87
C GLY B 188 -28.99 -0.35 -2.62
N ILE B 189 -29.27 -0.37 -3.92
CA ILE B 189 -28.83 -1.44 -4.82
C ILE B 189 -28.00 -0.82 -5.95
N VAL B 190 -27.05 -1.57 -6.48
CA VAL B 190 -26.23 -1.10 -7.61
C VAL B 190 -25.77 -2.23 -8.51
N GLU B 191 -26.35 -2.30 -9.70
CA GLU B 191 -25.88 -3.21 -10.74
C GLU B 191 -24.57 -2.67 -11.32
N HIS B 192 -23.65 -3.58 -11.65
CA HIS B 192 -22.34 -3.22 -12.19
C HIS B 192 -22.03 -4.19 -13.32
N ASP B 193 -21.88 -3.67 -14.53
CA ASP B 193 -21.73 -4.50 -15.73
C ASP B 193 -20.28 -4.58 -16.19
N PHE B 194 -19.85 -5.79 -16.55
CA PHE B 194 -18.51 -6.05 -17.07
C PHE B 194 -18.60 -7.09 -18.17
N VAL B 195 -17.55 -7.17 -18.99
CA VAL B 195 -17.39 -8.27 -19.95
C VAL B 195 -16.02 -8.89 -19.75
N ILE B 196 -15.98 -10.04 -19.08
CA ILE B 196 -14.72 -10.69 -18.71
C ILE B 196 -14.53 -11.92 -19.61
N LYS B 197 -13.41 -11.94 -20.33
CA LYS B 197 -13.12 -12.95 -21.35
C LYS B 197 -14.32 -13.13 -22.29
N LYS B 198 -14.83 -12.02 -22.80
CA LYS B 198 -15.90 -12.01 -23.81
C LYS B 198 -17.24 -12.53 -23.30
N ILE B 199 -17.40 -12.62 -21.98
CA ILE B 199 -18.64 -13.11 -21.37
C ILE B 199 -19.27 -11.97 -20.55
N PRO B 200 -20.51 -11.55 -20.89
CA PRO B 200 -21.08 -10.40 -20.20
C PRO B 200 -21.58 -10.68 -18.79
N PHE B 201 -20.83 -10.25 -17.78
CA PHE B 201 -21.23 -10.40 -16.37
C PHE B 201 -22.07 -9.21 -15.93
N LYS B 202 -22.83 -9.42 -14.86
CA LYS B 202 -23.61 -8.35 -14.24
C LYS B 202 -23.73 -8.63 -12.75
N MET B 203 -23.08 -7.80 -11.95
CA MET B 203 -23.03 -8.02 -10.51
C MET B 203 -23.84 -6.97 -9.77
N VAL B 204 -24.54 -7.41 -8.73
CA VAL B 204 -25.38 -6.53 -7.96
C VAL B 204 -24.87 -6.49 -6.53
N ASP B 205 -24.63 -5.28 -6.04
CA ASP B 205 -24.23 -5.06 -4.67
C ASP B 205 -25.43 -4.46 -3.92
N VAL B 206 -25.75 -5.03 -2.76
CA VAL B 206 -26.83 -4.54 -1.92
C VAL B 206 -26.33 -4.46 -0.48
N GLY B 207 -27.12 -3.84 0.40
CA GLY B 207 -26.73 -3.63 1.79
C GLY B 207 -27.00 -4.81 2.69
N GLY B 208 -26.18 -4.98 3.73
CA GLY B 208 -26.22 -6.16 4.58
C GLY B 208 -26.90 -5.98 5.92
N GLN B 209 -27.16 -4.74 6.33
CA GLN B 209 -27.77 -4.47 7.64
C GLN B 209 -29.23 -4.89 7.69
N ARG B 210 -29.69 -5.28 8.88
CA ARG B 210 -31.05 -5.74 9.09
C ARG B 210 -32.06 -4.93 8.28
N SER B 211 -31.91 -3.62 8.30
CA SER B 211 -32.80 -2.72 7.57
C SER B 211 -32.78 -2.94 6.06
N GLN B 212 -31.59 -3.17 5.52
CA GLN B 212 -31.42 -3.28 4.08
C GLN B 212 -31.80 -4.65 3.52
N ARG B 213 -31.64 -5.71 4.32
CA ARG B 213 -32.02 -7.05 3.89
C ARG B 213 -33.40 -7.07 3.26
N GLN B 214 -34.30 -6.27 3.81
CA GLN B 214 -35.67 -6.09 3.30
C GLN B 214 -35.76 -5.91 1.77
N LYS B 215 -34.67 -5.43 1.16
CA LYS B 215 -34.64 -5.13 -0.26
C LYS B 215 -34.24 -6.34 -1.11
N TRP B 216 -33.50 -7.25 -0.51
CA TRP B 216 -32.85 -8.37 -1.23
C TRP B 216 -33.74 -9.08 -2.26
N PHE B 217 -35.02 -9.26 -1.92
CA PHE B 217 -35.98 -10.01 -2.74
C PHE B 217 -36.16 -9.45 -4.16
N GLN B 218 -35.85 -8.17 -4.34
CA GLN B 218 -35.89 -7.54 -5.66
C GLN B 218 -34.79 -8.07 -6.59
N CYS B 219 -33.64 -8.40 -6.00
CA CYS B 219 -32.48 -8.89 -6.76
C CYS B 219 -32.46 -10.39 -7.00
N PHE B 220 -33.33 -11.13 -6.31
CA PHE B 220 -33.37 -12.58 -6.45
C PHE B 220 -33.89 -13.01 -7.82
N ASP B 221 -34.34 -12.07 -8.64
CA ASP B 221 -34.76 -12.39 -9.99
C ASP B 221 -33.58 -12.84 -10.85
N GLY B 222 -33.78 -13.96 -11.56
CA GLY B 222 -32.86 -14.42 -12.61
C GLY B 222 -31.37 -14.36 -12.32
N ILE B 223 -30.98 -14.66 -11.08
CA ILE B 223 -29.56 -14.69 -10.71
C ILE B 223 -28.96 -16.08 -11.00
N THR B 224 -27.73 -16.08 -11.49
CA THR B 224 -27.02 -17.31 -11.85
C THR B 224 -26.13 -17.78 -10.70
N SER B 225 -25.80 -16.87 -9.78
CA SER B 225 -24.96 -17.22 -8.66
C SER B 225 -25.13 -16.24 -7.51
N ILE B 226 -24.69 -16.66 -6.32
CA ILE B 226 -24.66 -15.80 -5.15
C ILE B 226 -23.28 -15.89 -4.51
N LEU B 227 -22.62 -14.74 -4.39
CA LEU B 227 -21.35 -14.64 -3.67
C LEU B 227 -21.58 -14.20 -2.21
N PHE B 228 -21.75 -15.17 -1.33
CA PHE B 228 -21.99 -14.87 0.08
C PHE B 228 -20.68 -14.59 0.80
N MET B 229 -20.59 -13.45 1.46
CA MET B 229 -19.35 -13.00 2.12
C MET B 229 -19.48 -13.00 3.63
N VAL B 230 -18.36 -13.24 4.30
CA VAL B 230 -18.33 -13.31 5.76
C VAL B 230 -17.08 -12.65 6.33
N SER B 231 -17.28 -11.57 7.06
CA SER B 231 -16.20 -10.96 7.82
C SER B 231 -15.80 -11.93 8.94
N SER B 232 -14.81 -12.77 8.63
CA SER B 232 -14.41 -13.89 9.48
C SER B 232 -13.64 -13.46 10.72
N SER B 233 -13.17 -12.22 10.74
CA SER B 233 -12.46 -11.68 11.90
C SER B 233 -13.38 -11.22 13.02
N GLU B 234 -14.68 -11.42 12.91
CA GLU B 234 -15.62 -10.73 13.79
C GLU B 234 -16.30 -11.64 14.82
N TYR B 235 -15.60 -12.69 15.25
CA TYR B 235 -16.11 -13.60 16.26
C TYR B 235 -16.22 -12.95 17.64
N ASP B 236 -15.33 -11.99 17.94
CA ASP B 236 -15.38 -11.27 19.21
C ASP B 236 -16.23 -10.00 19.17
N GLN B 237 -16.73 -9.62 17.99
CA GLN B 237 -17.49 -8.37 17.85
C GLN B 237 -19.00 -8.59 17.96
N VAL B 238 -19.71 -7.57 18.44
CA VAL B 238 -21.18 -7.57 18.46
C VAL B 238 -21.72 -6.78 17.28
N LEU B 239 -22.91 -7.14 16.81
CA LEU B 239 -23.51 -6.50 15.66
C LEU B 239 -23.80 -5.04 15.97
N MET B 240 -23.66 -4.17 14.97
CA MET B 240 -23.85 -2.74 15.18
C MET B 240 -25.29 -2.37 15.47
N GLU B 241 -26.20 -2.85 14.63
CA GLU B 241 -27.62 -2.49 14.71
C GLU B 241 -28.34 -3.02 15.96
N ASP B 242 -27.65 -3.83 16.76
CA ASP B 242 -28.06 -4.11 18.13
C ASP B 242 -26.84 -4.39 19.01
N ARG B 243 -26.91 -3.96 20.27
CA ARG B 243 -25.78 -4.06 21.20
C ARG B 243 -25.35 -5.49 21.56
N ARG B 244 -26.16 -6.51 21.26
CA ARG B 244 -26.02 -7.82 21.91
C ARG B 244 -25.75 -9.04 21.01
N THR B 245 -26.28 -9.06 19.78
CA THR B 245 -26.11 -10.22 18.90
C THR B 245 -24.70 -10.31 18.31
N ASN B 246 -24.14 -11.51 18.29
CA ASN B 246 -22.80 -11.74 17.76
C ASN B 246 -22.76 -11.69 16.23
N ARG B 247 -21.73 -11.03 15.70
CA ARG B 247 -21.61 -10.76 14.26
C ARG B 247 -21.53 -12.02 13.41
N LEU B 248 -20.70 -12.96 13.82
CA LEU B 248 -20.46 -14.16 13.03
C LEU B 248 -21.63 -15.15 13.12
N VAL B 249 -22.30 -15.18 14.27
CA VAL B 249 -23.52 -15.98 14.42
C VAL B 249 -24.58 -15.51 13.44
N GLU B 250 -24.71 -14.19 13.29
CA GLU B 250 -25.67 -13.59 12.35
C GLU B 250 -25.37 -14.01 10.92
N SER B 251 -24.09 -13.94 10.56
CA SER B 251 -23.61 -14.42 9.26
C SER B 251 -24.07 -15.83 9.01
N MET B 252 -23.80 -16.72 9.97
CA MET B 252 -24.21 -18.11 9.89
C MET B 252 -25.72 -18.21 9.75
N ASN B 253 -26.45 -17.50 10.60
CA ASN B 253 -27.92 -17.47 10.53
C ASN B 253 -28.45 -17.10 9.15
N ILE B 254 -27.84 -16.08 8.55
CA ILE B 254 -28.29 -15.60 7.25
C ILE B 254 -27.95 -16.62 6.17
N PHE B 255 -26.74 -17.17 6.24
CA PHE B 255 -26.29 -18.18 5.29
C PHE B 255 -27.23 -19.37 5.28
N GLU B 256 -27.63 -19.82 6.46
CA GLU B 256 -28.51 -20.98 6.56
C GLU B 256 -29.77 -20.78 5.75
N THR B 257 -30.34 -19.57 5.82
CA THR B 257 -31.62 -19.29 5.19
C THR B 257 -31.48 -19.21 3.68
N ILE B 258 -30.36 -18.67 3.21
CA ILE B 258 -30.14 -18.51 1.79
C ILE B 258 -29.79 -19.84 1.14
N VAL B 259 -28.83 -20.54 1.74
CA VAL B 259 -28.26 -21.75 1.14
C VAL B 259 -29.28 -22.87 0.93
N ASN B 260 -30.25 -22.95 1.82
CA ASN B 260 -31.25 -24.03 1.82
C ASN B 260 -32.58 -23.60 1.22
N ASN B 261 -32.55 -22.70 0.25
CA ASN B 261 -33.78 -22.19 -0.31
C ASN B 261 -34.07 -22.71 -1.71
N LYS B 262 -35.26 -23.32 -1.85
CA LYS B 262 -35.80 -23.79 -3.15
C LYS B 262 -35.53 -22.82 -4.28
N LEU B 263 -35.84 -21.55 -4.03
CA LEU B 263 -35.65 -20.50 -5.03
C LEU B 263 -34.25 -20.53 -5.63
N PHE B 264 -33.27 -20.86 -4.79
CA PHE B 264 -31.86 -20.97 -5.22
C PHE B 264 -31.41 -22.42 -5.35
N PHE B 265 -32.27 -23.28 -5.91
CA PHE B 265 -31.90 -24.68 -6.19
C PHE B 265 -31.00 -24.79 -7.41
N ASN B 266 -31.29 -23.99 -8.43
CA ASN B 266 -30.50 -23.96 -9.66
C ASN B 266 -29.51 -22.79 -9.68
N VAL B 267 -28.93 -22.51 -8.52
CA VAL B 267 -28.06 -21.34 -8.34
C VAL B 267 -26.76 -21.75 -7.66
N SER B 268 -25.63 -21.29 -8.20
CA SER B 268 -24.33 -21.54 -7.59
C SER B 268 -24.17 -20.63 -6.38
N ILE B 269 -23.77 -21.21 -5.26
CA ILE B 269 -23.60 -20.47 -4.01
C ILE B 269 -22.17 -20.65 -3.51
N ILE B 270 -21.39 -19.58 -3.52
CA ILE B 270 -19.97 -19.65 -3.14
C ILE B 270 -19.67 -18.72 -1.96
N LEU B 271 -18.99 -19.28 -0.96
CA LEU B 271 -18.75 -18.59 0.29
C LEU B 271 -17.37 -17.93 0.34
N PHE B 272 -17.32 -16.66 0.75
CA PHE B 272 -16.06 -15.92 0.85
C PHE B 272 -15.75 -15.59 2.29
N LEU B 273 -14.92 -16.41 2.93
CA LEU B 273 -14.43 -16.04 4.26
C LEU B 273 -13.40 -14.93 4.07
N ASN B 274 -13.80 -13.72 4.42
CA ASN B 274 -13.07 -12.50 4.09
C ASN B 274 -12.36 -11.94 5.33
N LYS B 275 -11.55 -10.91 5.12
CA LYS B 275 -10.77 -10.28 6.20
C LYS B 275 -9.78 -11.27 6.82
N MET B 276 -9.24 -12.14 5.97
CA MET B 276 -8.32 -13.20 6.37
C MET B 276 -7.03 -12.60 6.96
N ASP B 277 -6.64 -11.44 6.47
CA ASP B 277 -5.47 -10.73 6.97
C ASP B 277 -5.69 -10.15 8.36
N LEU B 278 -6.92 -9.69 8.63
CA LEU B 278 -7.28 -9.21 9.96
C LEU B 278 -7.48 -10.40 10.90
N LEU B 279 -8.06 -11.47 10.35
CA LEU B 279 -8.28 -12.69 11.10
C LEU B 279 -6.97 -13.19 11.72
N VAL B 280 -5.92 -13.22 10.89
CA VAL B 280 -4.58 -13.62 11.32
C VAL B 280 -4.18 -12.91 12.61
N GLU B 281 -4.46 -11.61 12.68
CA GLU B 281 -4.09 -10.79 13.82
C GLU B 281 -4.86 -11.21 15.08
N LYS B 282 -6.19 -11.28 14.97
CA LYS B 282 -7.04 -11.57 16.14
C LYS B 282 -6.74 -12.93 16.74
N VAL B 283 -6.59 -13.93 15.87
CA VAL B 283 -6.22 -15.29 16.26
C VAL B 283 -5.08 -15.27 17.28
N LYS B 284 -4.05 -14.45 17.01
CA LYS B 284 -2.89 -14.34 17.88
C LYS B 284 -3.22 -13.88 19.30
N SER B 285 -4.08 -12.87 19.43
CA SER B 285 -4.29 -12.21 20.73
C SER B 285 -5.61 -12.59 21.41
N VAL B 286 -6.71 -12.53 20.65
CA VAL B 286 -8.03 -12.87 21.19
C VAL B 286 -8.44 -14.27 20.75
N SER B 287 -9.01 -15.04 21.68
CA SER B 287 -9.43 -16.42 21.39
C SER B 287 -10.92 -16.51 21.05
N ILE B 288 -11.24 -17.38 20.09
CA ILE B 288 -12.61 -17.70 19.75
C ILE B 288 -13.26 -18.61 20.80
N LYS B 289 -12.43 -19.33 21.57
CA LYS B 289 -12.91 -20.24 22.62
C LYS B 289 -13.90 -19.56 23.57
N LYS B 290 -13.61 -18.32 23.92
CA LYS B 290 -14.49 -17.52 24.75
C LYS B 290 -15.89 -17.39 24.15
N HIS B 291 -15.94 -17.18 22.83
CA HIS B 291 -17.20 -16.86 22.14
C HIS B 291 -17.90 -18.08 21.58
N PHE B 292 -17.14 -19.05 21.11
CA PHE B 292 -17.70 -20.31 20.63
C PHE B 292 -17.11 -21.44 21.48
N PRO B 293 -17.79 -21.81 22.58
CA PRO B 293 -17.20 -22.79 23.50
C PRO B 293 -17.10 -24.18 22.88
N ASP B 294 -18.06 -24.52 22.02
CA ASP B 294 -18.06 -25.79 21.29
C ASP B 294 -16.83 -26.00 20.40
N PHE B 295 -16.13 -24.91 20.05
CA PHE B 295 -14.86 -25.01 19.33
C PHE B 295 -13.93 -25.97 20.08
N LYS B 296 -13.38 -26.92 19.34
CA LYS B 296 -12.48 -27.92 19.91
C LYS B 296 -11.27 -28.03 19.01
N GLY B 297 -10.30 -27.16 19.27
CA GLY B 297 -9.01 -27.21 18.60
C GLY B 297 -8.01 -26.36 19.36
N ASP B 298 -7.01 -25.85 18.64
CA ASP B 298 -6.07 -24.90 19.18
C ASP B 298 -6.58 -23.50 18.83
N PRO B 299 -6.97 -22.71 19.84
CA PRO B 299 -7.58 -21.40 19.54
C PRO B 299 -6.63 -20.33 18.96
N HIS B 300 -5.33 -20.59 18.95
CA HIS B 300 -4.37 -19.63 18.42
C HIS B 300 -3.61 -20.16 17.21
N ARG B 301 -4.22 -21.12 16.50
CA ARG B 301 -3.68 -21.58 15.23
C ARG B 301 -4.66 -21.18 14.13
N LEU B 302 -4.16 -20.44 13.14
CA LEU B 302 -5.01 -19.95 12.06
C LEU B 302 -5.86 -21.08 11.48
N GLU B 303 -5.22 -22.18 11.10
CA GLU B 303 -5.94 -23.27 10.41
C GLU B 303 -6.94 -24.01 11.31
N ASP B 304 -6.63 -24.17 12.58
CA ASP B 304 -7.60 -24.70 13.55
C ASP B 304 -8.88 -23.89 13.47
N VAL B 305 -8.72 -22.56 13.46
CA VAL B 305 -9.86 -21.65 13.39
C VAL B 305 -10.46 -21.67 11.98
N GLN B 306 -9.62 -21.56 10.96
CA GLN B 306 -10.07 -21.57 9.55
C GLN B 306 -11.00 -22.74 9.26
N ARG B 307 -10.57 -23.94 9.62
CA ARG B 307 -11.34 -25.14 9.31
C ARG B 307 -12.65 -25.16 10.08
N TYR B 308 -12.63 -24.70 11.32
CA TYR B 308 -13.85 -24.63 12.13
C TYR B 308 -14.93 -23.79 11.46
N LEU B 309 -14.52 -22.69 10.84
CA LEU B 309 -15.46 -21.78 10.18
C LEU B 309 -16.13 -22.46 8.99
N VAL B 310 -15.31 -23.02 8.09
CA VAL B 310 -15.81 -23.81 6.96
C VAL B 310 -16.87 -24.79 7.44
N GLN B 311 -16.53 -25.51 8.52
CA GLN B 311 -17.38 -26.55 9.10
C GLN B 311 -18.70 -25.99 9.58
N CYS B 312 -18.63 -24.90 10.35
CA CYS B 312 -19.83 -24.26 10.86
C CYS B 312 -20.80 -23.89 9.74
N PHE B 313 -20.27 -23.32 8.66
CA PHE B 313 -21.08 -22.96 7.50
C PHE B 313 -21.47 -24.21 6.72
N ASP B 314 -20.57 -25.18 6.64
CA ASP B 314 -20.90 -26.48 6.08
C ASP B 314 -22.15 -27.01 6.79
N ARG B 315 -22.12 -26.96 8.13
CA ARG B 315 -23.15 -27.53 9.02
C ARG B 315 -24.56 -26.94 8.90
N LYS B 316 -24.68 -25.69 8.44
CA LYS B 316 -25.99 -25.08 8.31
C LYS B 316 -26.72 -25.55 7.03
N ARG B 317 -26.06 -26.39 6.23
CA ARG B 317 -26.63 -26.88 4.97
C ARG B 317 -27.34 -28.22 5.17
N ARG B 318 -28.53 -28.34 4.59
CA ARG B 318 -29.29 -29.57 4.63
C ARG B 318 -28.78 -30.55 3.58
N ASN B 319 -28.35 -30.02 2.44
CA ASN B 319 -27.87 -30.83 1.34
C ASN B 319 -26.35 -30.88 1.31
N ARG B 320 -25.76 -31.50 2.32
CA ARG B 320 -24.31 -31.62 2.40
C ARG B 320 -23.77 -32.73 1.50
N SER B 321 -24.34 -32.89 0.32
CA SER B 321 -23.88 -33.93 -0.63
C SER B 321 -22.91 -33.32 -1.63
N LYS B 322 -23.36 -32.25 -2.30
CA LYS B 322 -22.50 -31.50 -3.21
C LYS B 322 -21.58 -30.63 -2.34
N PRO B 323 -20.29 -30.51 -2.72
CA PRO B 323 -19.34 -29.82 -1.81
C PRO B 323 -19.50 -28.30 -1.72
N LEU B 324 -19.00 -27.73 -0.61
CA LEU B 324 -19.08 -26.30 -0.33
C LEU B 324 -17.98 -25.53 -1.04
N PHE B 325 -18.33 -24.88 -2.15
CA PHE B 325 -17.37 -24.00 -2.83
C PHE B 325 -17.05 -22.85 -1.88
N HIS B 326 -15.76 -22.67 -1.57
CA HIS B 326 -15.36 -21.62 -0.64
C HIS B 326 -13.91 -21.15 -0.87
N HIS B 327 -13.65 -19.91 -0.46
CA HIS B 327 -12.32 -19.31 -0.53
C HIS B 327 -12.06 -18.47 0.72
N PHE B 328 -10.79 -18.36 1.11
CA PHE B 328 -10.37 -17.42 2.14
C PHE B 328 -9.82 -16.15 1.49
N THR B 329 -10.61 -15.09 1.41
CA THR B 329 -10.19 -13.87 0.70
C THR B 329 -9.73 -12.76 1.63
N THR B 330 -9.00 -11.81 1.04
CA THR B 330 -8.83 -10.48 1.60
C THR B 330 -9.16 -9.50 0.49
N ALA B 331 -10.35 -8.92 0.56
CA ALA B 331 -10.92 -8.09 -0.51
C ALA B 331 -10.22 -6.74 -0.72
N ILE B 332 -9.35 -6.36 0.22
CA ILE B 332 -8.54 -5.15 0.03
C ILE B 332 -7.30 -5.41 -0.82
N ASP B 333 -6.89 -6.68 -0.89
CA ASP B 333 -5.69 -7.13 -1.64
C ASP B 333 -6.08 -7.53 -3.06
N THR B 334 -5.73 -6.69 -4.04
CA THR B 334 -6.23 -6.84 -5.41
C THR B 334 -5.84 -8.15 -6.09
N GLU B 335 -4.62 -8.62 -5.87
CA GLU B 335 -4.15 -9.84 -6.52
C GLU B 335 -4.92 -11.05 -6.02
N ASN B 336 -4.93 -11.21 -4.71
CA ASN B 336 -5.76 -12.22 -4.07
C ASN B 336 -7.10 -12.38 -4.79
N ILE B 337 -7.76 -11.25 -5.04
CA ILE B 337 -9.08 -11.24 -5.66
C ILE B 337 -9.04 -11.63 -7.14
N ARG B 338 -8.08 -11.14 -7.91
CA ARG B 338 -7.98 -11.52 -9.33
C ARG B 338 -7.83 -13.04 -9.44
N PHE B 339 -6.97 -13.58 -8.58
CA PHE B 339 -6.74 -15.02 -8.48
C PHE B 339 -8.06 -15.72 -8.13
N VAL B 340 -8.62 -15.32 -6.99
CA VAL B 340 -9.83 -15.92 -6.46
C VAL B 340 -10.97 -15.88 -7.47
N PHE B 341 -11.14 -14.74 -8.15
CA PHE B 341 -12.26 -14.60 -9.08
C PHE B 341 -12.15 -15.50 -10.31
N HIS B 342 -10.93 -15.67 -10.83
CA HIS B 342 -10.74 -16.56 -11.98
C HIS B 342 -11.21 -17.98 -11.66
N ALA B 343 -11.01 -18.41 -10.42
CA ALA B 343 -11.51 -19.71 -9.94
C ALA B 343 -13.02 -19.69 -9.88
N VAL B 344 -13.57 -18.65 -9.26
CA VAL B 344 -15.01 -18.50 -9.12
C VAL B 344 -15.68 -18.45 -10.50
N LYS B 345 -15.04 -17.79 -11.47
CA LYS B 345 -15.54 -17.75 -12.84
C LYS B 345 -15.73 -19.15 -13.40
N ASP B 346 -14.77 -20.04 -13.14
CA ASP B 346 -14.86 -21.43 -13.58
C ASP B 346 -16.02 -22.15 -12.91
N THR B 347 -15.95 -22.27 -11.58
CA THR B 347 -17.01 -22.92 -10.80
C THR B 347 -18.37 -22.58 -11.39
N ILE B 348 -18.65 -21.29 -11.51
CA ILE B 348 -19.95 -20.81 -12.01
C ILE B 348 -20.24 -21.32 -13.41
N LEU B 349 -19.36 -20.98 -14.35
CA LEU B 349 -19.60 -21.27 -15.76
C LEU B 349 -19.74 -22.75 -16.05
N GLN B 350 -18.93 -23.57 -15.38
CA GLN B 350 -18.96 -25.02 -15.56
C GLN B 350 -20.22 -25.65 -14.96
#